data_5RPC
#
_entry.id   5RPC
#
_cell.length_a   67.960
_cell.length_b   67.960
_cell.length_c   102.940
_cell.angle_alpha   90.000
_cell.angle_beta   90.000
_cell.angle_gamma   90.000
#
_symmetry.space_group_name_H-M   'P 43 21 2'
#
loop_
_entity.id
_entity.type
_entity.pdbx_description
1 polymer 'Proteinase K'
2 non-polymer N-carbamoyl-L-methionine
3 water water
#
_entity_poly.entity_id   1
_entity_poly.type   'polypeptide(L)'
_entity_poly.pdbx_seq_one_letter_code
;AAQTNAPWGLARISSTSPGTSTYYYDESAGQGSCVYVIDTGIEASHPEFEGRAQMVKTYYYSSRDGNGHGTHCAGTVGSR
TYGVAKKTQLFGVKVLDDNGSGQYSTIIAGMDFVASDKNNRNCPKGVVASLSLGGGYSSSVNSAAARLQSSGVMVAVAAG
NNNADARNYSPASEPSVCTVGASDRYDRRSSFSNYGSVLDIFGPGTDILSTWIGGSTRSISGTSMATPHVAGLAAYLMTL
GKTTAASACRYIADTANKGDLSNIPFGTVNLLAYNNYQA
;
_entity_poly.pdbx_strand_id   A
#
loop_
_chem_comp.id
_chem_comp.type
_chem_comp.name
_chem_comp.formula
W9J non-polymer N-carbamoyl-L-methionine 'C6 H12 N2 O3 S'
#
# COMPACT_ATOMS: atom_id res chain seq x y z
N ALA A 1 16.02 -11.27 -9.80
CA ALA A 1 16.77 -11.01 -8.59
C ALA A 1 16.17 -11.77 -7.41
N ALA A 2 16.99 -12.00 -6.39
CA ALA A 2 16.60 -12.78 -5.23
C ALA A 2 17.13 -12.07 -4.00
N GLN A 3 16.26 -11.83 -3.03
CA GLN A 3 16.65 -11.30 -1.73
C GLN A 3 16.43 -12.40 -0.71
N THR A 4 17.51 -12.95 -0.17
CA THR A 4 17.36 -14.02 0.82
C THR A 4 16.97 -13.48 2.19
N ASN A 5 16.31 -14.33 2.97
CA ASN A 5 15.88 -13.98 4.34
C ASN A 5 15.10 -12.66 4.36
N ALA A 6 14.16 -12.54 3.44
CA ALA A 6 13.34 -11.35 3.32
C ALA A 6 12.22 -11.43 4.33
N PRO A 7 11.55 -10.30 4.62
CA PRO A 7 10.32 -10.38 5.42
C PRO A 7 9.33 -11.33 4.75
N TRP A 8 8.57 -12.05 5.59
CA TRP A 8 7.70 -13.09 5.04
C TRP A 8 6.74 -12.54 3.98
N GLY A 9 6.29 -11.29 4.13
CA GLY A 9 5.32 -10.75 3.20
C GLY A 9 5.88 -10.56 1.80
N LEU A 10 7.15 -10.12 1.70
CA LEU A 10 7.78 -10.01 0.40
C LEU A 10 7.94 -11.39 -0.23
N ALA A 11 8.42 -12.36 0.54
CA ALA A 11 8.49 -13.71 0.02
C ALA A 11 7.12 -14.20 -0.42
N ARG A 12 6.06 -13.87 0.34
CA ARG A 12 4.75 -14.43 0.00
C ARG A 12 4.25 -13.88 -1.32
N ILE A 13 4.46 -12.59 -1.58
CA ILE A 13 3.96 -12.01 -2.83
C ILE A 13 4.74 -12.45 -4.05
N SER A 14 5.85 -13.14 -3.87
CA SER A 14 6.59 -13.71 -5.00
C SER A 14 6.55 -15.23 -5.04
N SER A 15 5.60 -15.84 -4.32
CA SER A 15 5.55 -17.28 -4.22
C SER A 15 4.14 -17.79 -4.47
N THR A 16 4.05 -18.98 -5.05
CA THR A 16 2.77 -19.66 -5.15
C THR A 16 2.41 -20.44 -3.89
N SER A 17 3.30 -20.47 -2.90
CA SER A 17 3.11 -21.25 -1.69
C SER A 17 3.56 -20.44 -0.48
N PRO A 18 2.90 -20.59 0.66
CA PRO A 18 3.42 -20.00 1.90
C PRO A 18 4.64 -20.76 2.36
N GLY A 19 5.32 -20.21 3.35
CA GLY A 19 6.41 -20.91 4.00
C GLY A 19 7.77 -20.81 3.34
N THR A 20 8.00 -19.81 2.50
CA THR A 20 9.31 -19.54 1.93
C THR A 20 9.78 -18.17 2.41
N SER A 21 11.08 -17.92 2.25
CA SER A 21 11.68 -16.72 2.83
C SER A 21 12.50 -15.88 1.86
N THR A 22 12.55 -16.22 0.59
CA THR A 22 13.27 -15.42 -0.39
C THR A 22 12.27 -14.64 -1.24
N TYR A 23 12.57 -13.38 -1.47
CA TYR A 23 11.77 -12.52 -2.35
C TYR A 23 12.43 -12.49 -3.73
N TYR A 24 11.68 -12.88 -4.76
CA TYR A 24 12.16 -12.88 -6.14
C TYR A 24 11.44 -11.80 -6.91
N TYR A 25 12.19 -11.00 -7.67
CA TYR A 25 11.59 -9.88 -8.38
C TYR A 25 12.52 -9.47 -9.51
N ASP A 26 11.94 -8.91 -10.57
CA ASP A 26 12.73 -8.36 -11.66
C ASP A 26 13.53 -7.16 -11.18
N GLU A 27 14.79 -7.07 -11.64
CA GLU A 27 15.71 -6.06 -11.14
C GLU A 27 15.28 -4.64 -11.48
N SER A 28 14.33 -4.46 -12.40
CA SER A 28 13.83 -3.11 -12.67
C SER A 28 13.26 -2.49 -11.40
N ALA A 29 12.64 -3.31 -10.54
CA ALA A 29 12.34 -2.93 -9.16
C ALA A 29 11.55 -1.63 -9.04
N GLY A 30 10.67 -1.34 -9.99
CA GLY A 30 9.90 -0.12 -9.90
C GLY A 30 10.63 1.15 -10.29
N GLN A 31 11.81 1.06 -10.90
CA GLN A 31 12.50 2.27 -11.34
C GLN A 31 11.63 3.05 -12.31
N GLY A 32 11.57 4.36 -12.11
CA GLY A 32 10.80 5.22 -13.01
C GLY A 32 9.36 5.41 -12.60
N SER A 33 8.88 4.69 -11.59
CA SER A 33 7.56 4.88 -11.01
C SER A 33 7.67 5.75 -9.76
N CYS A 34 6.52 6.20 -9.26
CA CYS A 34 6.46 6.99 -8.04
C CYS A 34 5.29 6.49 -7.22
N VAL A 35 5.45 6.45 -5.89
CA VAL A 35 4.39 6.09 -4.96
C VAL A 35 4.24 7.18 -3.92
N TYR A 36 3.05 7.74 -3.82
CA TYR A 36 2.69 8.68 -2.77
C TYR A 36 2.16 7.89 -1.58
N VAL A 37 2.70 8.17 -0.40
CA VAL A 37 2.27 7.55 0.84
C VAL A 37 1.54 8.63 1.64
N ILE A 38 0.24 8.53 1.72
CA ILE A 38 -0.61 9.56 2.30
C ILE A 38 -0.92 9.08 3.72
N ASP A 39 -0.29 9.70 4.72
CA ASP A 39 -0.23 9.08 6.04
C ASP A 39 0.30 10.09 7.06
N THR A 40 1.10 9.62 8.05
CA THR A 40 1.67 10.48 9.09
C THR A 40 2.99 11.12 8.68
N GLY A 41 3.43 10.92 7.44
CA GLY A 41 4.74 11.37 7.00
C GLY A 41 5.65 10.19 6.72
N ILE A 42 6.87 10.53 6.31
CA ILE A 42 7.93 9.54 6.09
C ILE A 42 9.22 10.12 6.64
N GLU A 43 9.94 9.35 7.44
CA GLU A 43 11.29 9.71 7.86
C GLU A 43 12.23 9.47 6.68
N ALA A 44 12.31 10.46 5.80
CA ALA A 44 13.04 10.28 4.55
C ALA A 44 14.54 10.09 4.76
N SER A 45 15.08 10.54 5.90
CA SER A 45 16.49 10.36 6.19
C SER A 45 16.86 8.95 6.60
N HIS A 46 15.87 8.06 6.76
CA HIS A 46 16.18 6.68 7.14
C HIS A 46 17.10 6.06 6.10
N PRO A 47 18.22 5.44 6.51
CA PRO A 47 19.13 4.85 5.51
C PRO A 47 18.45 3.90 4.55
N GLU A 48 17.38 3.26 4.99
CA GLU A 48 16.68 2.30 4.15
C GLU A 48 16.06 2.92 2.91
N PHE A 49 15.89 4.24 2.87
CA PHE A 49 15.28 4.88 1.71
C PHE A 49 16.29 5.35 0.67
N GLU A 50 17.58 5.42 1.03
CA GLU A 50 18.66 5.66 0.06
C GLU A 50 18.49 6.95 -0.73
N GLY A 51 17.85 7.97 -0.17
CA GLY A 51 17.64 9.20 -0.90
C GLY A 51 16.44 9.21 -1.83
N ARG A 52 15.71 8.09 -1.92
CA ARG A 52 14.57 7.98 -2.82
C ARG A 52 13.25 8.43 -2.20
N ALA A 53 13.23 8.86 -0.94
CA ALA A 53 12.02 9.34 -0.29
C ALA A 53 12.11 10.84 -0.04
N GLN A 54 10.96 11.49 -0.11
CA GLN A 54 10.89 12.94 -0.01
C GLN A 54 9.52 13.31 0.53
N MET A 55 9.47 14.18 1.54
CA MET A 55 8.19 14.78 1.91
C MET A 55 7.84 15.89 0.93
N VAL A 56 6.58 15.93 0.52
CA VAL A 56 6.13 16.94 -0.43
C VAL A 56 4.98 17.80 0.10
N LYS A 57 4.31 17.39 1.16
CA LYS A 57 3.17 18.16 1.67
C LYS A 57 2.90 17.76 3.10
N THR A 58 2.58 18.75 3.94
CA THR A 58 2.02 18.51 5.25
C THR A 58 0.92 19.51 5.51
N TYR A 59 -0.02 19.12 6.37
CA TYR A 59 -1.10 20.00 6.79
C TYR A 59 -0.97 20.40 8.25
N TYR A 60 0.18 20.13 8.86
CA TYR A 60 0.44 20.35 10.28
C TYR A 60 1.70 21.21 10.41
N TYR A 61 2.05 21.52 11.65
CA TYR A 61 3.17 22.42 11.89
C TYR A 61 4.50 21.86 11.39
N SER A 62 4.61 20.55 11.19
CA SER A 62 5.83 19.96 10.70
C SER A 62 5.49 18.88 9.69
N SER A 63 6.46 18.57 8.84
CA SER A 63 6.35 17.42 7.94
C SER A 63 6.98 16.16 8.51
N ARG A 64 7.50 16.24 9.74
CA ARG A 64 8.15 15.08 10.34
C ARG A 64 7.12 14.01 10.72
N ASP A 65 7.48 12.76 10.50
CA ASP A 65 6.67 11.65 11.00
C ASP A 65 7.05 11.45 12.45
N GLY A 66 6.20 11.95 13.35
CA GLY A 66 6.37 11.75 14.77
C GLY A 66 5.63 10.54 15.31
N ASN A 67 5.04 9.74 14.42
CA ASN A 67 4.27 8.56 14.80
C ASN A 67 4.99 7.26 14.47
N GLY A 68 5.44 7.10 13.22
CA GLY A 68 6.06 5.88 12.73
C GLY A 68 5.24 5.15 11.68
N HIS A 69 3.91 5.29 11.74
CA HIS A 69 3.05 4.51 10.85
C HIS A 69 3.35 4.80 9.37
N GLY A 70 3.44 6.08 9.00
CA GLY A 70 3.72 6.40 7.61
C GLY A 70 5.09 5.90 7.15
N THR A 71 6.08 5.98 8.04
CA THR A 71 7.41 5.48 7.71
C THR A 71 7.40 3.97 7.49
N HIS A 72 6.61 3.25 8.29
CA HIS A 72 6.51 1.81 8.15
C HIS A 72 5.85 1.44 6.81
N CYS A 73 4.74 2.11 6.49
CA CYS A 73 4.08 1.87 5.21
C CYS A 73 4.99 2.19 4.04
N ALA A 74 5.70 3.32 4.12
CA ALA A 74 6.60 3.68 3.02
C ALA A 74 7.71 2.64 2.86
N GLY A 75 8.18 2.10 3.99
CA GLY A 75 9.21 1.07 3.92
C GLY A 75 8.73 -0.20 3.22
N THR A 76 7.46 -0.56 3.41
CA THR A 76 6.95 -1.74 2.71
C THR A 76 6.77 -1.46 1.23
N VAL A 77 6.45 -0.22 0.85
CA VAL A 77 6.39 0.11 -0.57
C VAL A 77 7.76 -0.03 -1.20
N GLY A 78 8.78 0.59 -0.58
CA GLY A 78 9.99 0.85 -1.35
C GLY A 78 11.32 0.96 -0.61
N SER A 79 11.40 0.55 0.65
CA SER A 79 12.73 0.51 1.28
C SER A 79 13.59 -0.57 0.65
N ARG A 80 14.91 -0.40 0.79
CA ARG A 80 15.84 -1.34 0.16
C ARG A 80 15.65 -2.76 0.71
N THR A 81 15.50 -2.92 2.03
CA THR A 81 15.39 -4.25 2.62
C THR A 81 13.95 -4.71 2.73
N TYR A 82 13.05 -3.82 3.11
CA TYR A 82 11.70 -4.22 3.49
C TYR A 82 10.66 -3.92 2.43
N GLY A 83 11.08 -3.42 1.26
CA GLY A 83 10.17 -2.90 0.26
C GLY A 83 9.95 -3.80 -0.94
N VAL A 84 8.76 -3.68 -1.53
CA VAL A 84 8.41 -4.42 -2.74
C VAL A 84 9.14 -3.86 -3.94
N ALA A 85 9.16 -2.53 -4.06
CA ALA A 85 9.64 -1.83 -5.27
C ALA A 85 10.87 -1.04 -4.86
N LYS A 86 12.03 -1.67 -4.95
CA LYS A 86 13.24 -1.19 -4.29
C LYS A 86 13.89 -0.01 -5.00
N LYS A 87 13.39 0.39 -6.17
CA LYS A 87 13.95 1.52 -6.91
C LYS A 87 12.89 2.60 -7.18
N THR A 88 11.71 2.49 -6.58
CA THR A 88 10.68 3.50 -6.80
C THR A 88 11.03 4.79 -6.05
N GLN A 89 10.40 5.88 -6.47
CA GLN A 89 10.48 7.14 -5.77
C GLN A 89 9.29 7.25 -4.82
N LEU A 90 9.54 7.64 -3.57
CA LEU A 90 8.50 7.75 -2.56
C LEU A 90 8.25 9.21 -2.23
N PHE A 91 6.98 9.61 -2.25
CA PHE A 91 6.58 10.96 -1.88
C PHE A 91 5.65 10.91 -0.67
N GLY A 92 5.97 11.68 0.38
CA GLY A 92 5.18 11.69 1.58
C GLY A 92 4.22 12.86 1.63
N VAL A 93 2.97 12.56 1.98
CA VAL A 93 1.94 13.58 2.17
C VAL A 93 1.37 13.36 3.57
N LYS A 94 1.62 14.31 4.47
CA LYS A 94 1.23 14.13 5.87
C LYS A 94 -0.17 14.69 6.10
N VAL A 95 -1.18 13.81 6.03
CA VAL A 95 -2.56 14.18 6.33
C VAL A 95 -2.97 13.75 7.73
N LEU A 96 -2.14 12.95 8.41
CA LEU A 96 -2.42 12.50 9.75
C LEU A 96 -1.42 13.12 10.71
N ASP A 97 -1.90 13.53 11.90
CA ASP A 97 -1.00 14.08 12.90
C ASP A 97 -0.17 12.97 13.54
N ASP A 98 0.63 13.32 14.54
CA ASP A 98 1.52 12.33 15.12
C ASP A 98 0.81 11.34 16.04
N ASN A 99 -0.47 11.57 16.32
CA ASN A 99 -1.30 10.57 17.00
C ASN A 99 -2.04 9.67 16.02
N GLY A 100 -1.79 9.81 14.72
CA GLY A 100 -2.47 9.01 13.72
C GLY A 100 -3.83 9.50 13.33
N SER A 101 -4.22 10.70 13.74
CA SER A 101 -5.57 11.21 13.54
C SER A 101 -5.55 12.30 12.46
N GLY A 102 -6.68 12.45 11.79
CA GLY A 102 -6.83 13.54 10.83
C GLY A 102 -8.29 13.75 10.46
N GLN A 103 -8.66 15.00 10.19
CA GLN A 103 -10.00 15.31 9.75
C GLN A 103 -10.20 14.81 8.32
N TYR A 104 -11.44 14.43 8.00
CA TYR A 104 -11.71 13.97 6.64
C TYR A 104 -11.39 15.07 5.62
N SER A 105 -11.65 16.33 5.97
CA SER A 105 -11.37 17.43 5.06
C SER A 105 -9.88 17.49 4.72
N THR A 106 -9.01 17.17 5.68
CA THR A 106 -7.57 17.18 5.42
C THR A 106 -7.17 16.01 4.54
N ILE A 107 -7.76 14.84 4.80
CA ILE A 107 -7.47 13.67 3.98
C ILE A 107 -7.90 13.91 2.54
N ILE A 108 -9.09 14.52 2.35
CA ILE A 108 -9.55 14.85 1.00
C ILE A 108 -8.60 15.83 0.33
N ALA A 109 -8.16 16.86 1.06
CA ALA A 109 -7.22 17.81 0.48
C ALA A 109 -5.94 17.12 0.04
N GLY A 110 -5.44 16.16 0.83
CA GLY A 110 -4.22 15.48 0.45
C GLY A 110 -4.37 14.63 -0.80
N MET A 111 -5.56 14.04 -0.99
CA MET A 111 -5.80 13.26 -2.20
C MET A 111 -5.87 14.16 -3.42
N ASP A 112 -6.57 15.29 -3.30
CA ASP A 112 -6.60 16.27 -4.38
C ASP A 112 -5.19 16.78 -4.68
N PHE A 113 -4.38 16.97 -3.64
CA PHE A 113 -3.00 17.41 -3.84
C PHE A 113 -2.24 16.42 -4.71
N VAL A 114 -2.35 15.12 -4.41
CA VAL A 114 -1.60 14.13 -5.18
C VAL A 114 -2.04 14.14 -6.64
N ALA A 115 -3.35 14.31 -6.88
CA ALA A 115 -3.85 14.28 -8.25
C ALA A 115 -3.24 15.39 -9.08
N SER A 116 -2.90 16.52 -8.46
CA SER A 116 -2.28 17.61 -9.20
C SER A 116 -0.75 17.52 -9.13
N ASP A 117 -0.20 17.22 -7.95
CA ASP A 117 1.24 17.23 -7.77
C ASP A 117 1.95 16.21 -8.66
N LYS A 118 1.29 15.11 -9.01
CA LYS A 118 1.96 14.14 -9.89
C LYS A 118 2.39 14.78 -11.21
N ASN A 119 1.78 15.89 -11.62
CA ASN A 119 2.20 16.62 -12.81
C ASN A 119 3.48 17.43 -12.61
N ASN A 120 3.92 17.60 -11.37
CA ASN A 120 5.19 18.25 -11.09
C ASN A 120 6.31 17.24 -10.81
N ARG A 121 6.04 15.94 -11.00
CA ARG A 121 7.03 14.91 -10.70
C ARG A 121 7.29 14.04 -11.91
N ASN A 122 8.52 13.54 -11.99
CA ASN A 122 8.97 12.68 -13.09
C ASN A 122 8.70 11.24 -12.73
N CYS A 123 7.64 10.69 -13.31
CA CYS A 123 7.20 9.32 -13.02
C CYS A 123 6.81 8.65 -14.33
N PRO A 124 7.75 8.48 -15.24
CA PRO A 124 7.37 8.02 -16.59
C PRO A 124 6.73 6.65 -16.62
N LYS A 125 7.00 5.80 -15.65
CA LYS A 125 6.43 4.46 -15.63
C LYS A 125 5.08 4.39 -14.94
N GLY A 126 4.69 5.43 -14.21
CA GLY A 126 3.38 5.47 -13.60
C GLY A 126 3.38 5.92 -12.15
N VAL A 127 2.20 6.24 -11.64
CA VAL A 127 2.01 6.84 -10.31
C VAL A 127 1.04 5.99 -9.53
N VAL A 128 1.38 5.75 -8.26
CA VAL A 128 0.56 4.99 -7.31
C VAL A 128 0.38 5.84 -6.06
N ALA A 129 -0.76 5.64 -5.37
CA ALA A 129 -0.97 6.24 -4.06
C ALA A 129 -1.40 5.14 -3.10
N SER A 130 -0.78 5.13 -1.92
CA SER A 130 -1.06 4.16 -0.86
C SER A 130 -1.74 4.90 0.28
N LEU A 131 -2.97 4.49 0.62
CA LEU A 131 -3.79 5.11 1.66
C LEU A 131 -4.10 4.08 2.76
N SER A 132 -3.24 4.04 3.77
CA SER A 132 -3.40 3.13 4.90
C SER A 132 -4.15 3.86 6.02
N LEU A 133 -5.38 4.23 5.71
CA LEU A 133 -6.19 5.02 6.65
C LEU A 133 -7.65 4.84 6.28
N GLY A 134 -8.52 5.29 7.16
CA GLY A 134 -9.94 5.24 6.89
C GLY A 134 -10.75 5.47 8.14
N GLY A 135 -12.05 5.59 7.92
CA GLY A 135 -13.00 5.75 8.99
C GLY A 135 -14.37 5.37 8.48
N GLY A 136 -15.39 5.86 9.17
CA GLY A 136 -16.75 5.55 8.78
C GLY A 136 -17.09 6.11 7.42
N TYR A 137 -18.16 5.56 6.84
CA TYR A 137 -18.55 5.91 5.48
C TYR A 137 -18.72 7.42 5.30
N SER A 138 -18.14 7.94 4.21
CA SER A 138 -18.28 9.33 3.80
C SER A 138 -18.29 9.36 2.29
N SER A 139 -19.39 9.85 1.70
CA SER A 139 -19.43 9.95 0.25
C SER A 139 -18.38 10.92 -0.27
N SER A 140 -18.04 11.96 0.51
CA SER A 140 -17.04 12.93 0.09
C SER A 140 -15.65 12.30 0.05
N VAL A 141 -15.33 11.47 1.04
CA VAL A 141 -14.04 10.78 1.04
C VAL A 141 -13.95 9.82 -0.13
N ASN A 142 -15.04 9.08 -0.39
CA ASN A 142 -15.03 8.14 -1.51
C ASN A 142 -14.86 8.88 -2.83
N SER A 143 -15.53 10.02 -2.97
CA SER A 143 -15.44 10.82 -4.19
C SER A 143 -14.01 11.32 -4.40
N ALA A 144 -13.34 11.74 -3.33
CA ALA A 144 -11.96 12.17 -3.45
C ALA A 144 -11.07 11.04 -3.92
N ALA A 145 -11.29 9.83 -3.40
CA ALA A 145 -10.49 8.69 -3.83
C ALA A 145 -10.78 8.34 -5.28
N ALA A 146 -12.06 8.46 -5.69
CA ALA A 146 -12.40 8.22 -7.09
C ALA A 146 -11.77 9.26 -8.01
N ARG A 147 -11.73 10.54 -7.58
CA ARG A 147 -11.07 11.56 -8.37
C ARG A 147 -9.59 11.25 -8.54
N LEU A 148 -8.93 10.86 -7.45
CA LEU A 148 -7.50 10.59 -7.53
C LEU A 148 -7.21 9.45 -8.50
N GLN A 149 -7.99 8.36 -8.40
CA GLN A 149 -7.85 7.26 -9.36
C GLN A 149 -8.10 7.74 -10.79
N SER A 150 -9.18 8.50 -10.99
CA SER A 150 -9.55 8.96 -12.32
C SER A 150 -8.45 9.82 -12.95
N SER A 151 -7.70 10.57 -12.14
CA SER A 151 -6.63 11.42 -12.66
C SER A 151 -5.46 10.62 -13.21
N GLY A 152 -5.43 9.30 -12.99
CA GLY A 152 -4.37 8.47 -13.52
C GLY A 152 -3.40 7.96 -12.47
N VAL A 153 -3.88 7.74 -11.26
CA VAL A 153 -3.07 7.25 -10.15
C VAL A 153 -3.68 5.92 -9.72
N MET A 154 -2.84 4.90 -9.58
CA MET A 154 -3.31 3.64 -9.01
C MET A 154 -3.50 3.83 -7.52
N VAL A 155 -4.75 3.82 -7.05
CA VAL A 155 -5.05 4.08 -5.65
C VAL A 155 -5.30 2.76 -4.94
N ALA A 156 -4.50 2.47 -3.90
CA ALA A 156 -4.67 1.30 -3.05
C ALA A 156 -5.06 1.80 -1.67
N VAL A 157 -6.14 1.24 -1.10
CA VAL A 157 -6.65 1.67 0.19
C VAL A 157 -6.85 0.48 1.11
N ALA A 158 -6.68 0.72 2.41
CA ALA A 158 -6.86 -0.33 3.41
C ALA A 158 -8.34 -0.65 3.61
N ALA A 159 -8.65 -1.94 3.79
CA ALA A 159 -10.05 -2.33 4.01
C ALA A 159 -10.55 -1.90 5.39
N GLY A 160 -9.66 -1.77 6.36
CA GLY A 160 -10.04 -1.49 7.73
C GLY A 160 -9.84 -2.70 8.62
N ASN A 161 -9.84 -2.44 9.94
CA ASN A 161 -9.34 -3.39 10.93
C ASN A 161 -10.39 -3.76 11.99
N ASN A 162 -11.66 -3.84 11.59
CA ASN A 162 -12.73 -4.07 12.55
C ASN A 162 -13.38 -5.43 12.40
N ASN A 163 -12.80 -6.34 11.63
CA ASN A 163 -13.41 -7.64 11.37
C ASN A 163 -14.88 -7.45 10.99
N ALA A 164 -15.11 -6.53 10.06
CA ALA A 164 -16.45 -6.13 9.67
C ALA A 164 -16.52 -5.95 8.16
N ASP A 165 -17.73 -5.72 7.65
CA ASP A 165 -17.89 -5.51 6.21
C ASP A 165 -17.39 -4.11 5.86
N ALA A 166 -16.45 -4.04 4.92
CA ALA A 166 -15.82 -2.78 4.55
C ALA A 166 -16.75 -1.84 3.80
N ARG A 167 -17.97 -2.27 3.46
CA ARG A 167 -18.92 -1.36 2.82
C ARG A 167 -19.25 -0.15 3.70
N ASN A 168 -19.00 -0.23 5.00
CA ASN A 168 -19.30 0.85 5.94
C ASN A 168 -18.10 1.72 6.27
N TYR A 169 -17.01 1.62 5.50
CA TYR A 169 -15.80 2.37 5.78
C TYR A 169 -15.34 3.09 4.52
N SER A 170 -14.63 4.20 4.71
CA SER A 170 -14.20 5.01 3.59
C SER A 170 -12.73 5.36 3.79
N PRO A 171 -11.93 5.41 2.71
CA PRO A 171 -12.28 5.17 1.30
C PRO A 171 -12.42 3.69 0.89
N ALA A 172 -12.35 2.76 1.85
CA ALA A 172 -12.45 1.33 1.54
C ALA A 172 -13.63 1.00 0.62
N SER A 173 -14.78 1.66 0.84
CA SER A 173 -15.99 1.27 0.11
C SER A 173 -16.10 1.89 -1.27
N GLU A 174 -15.15 2.71 -1.69
CA GLU A 174 -15.23 3.32 -3.01
C GLU A 174 -14.90 2.28 -4.09
N PRO A 175 -15.82 2.00 -5.02
CA PRO A 175 -15.60 0.87 -5.94
C PRO A 175 -14.42 1.05 -6.89
N SER A 176 -14.09 2.28 -7.23
CA SER A 176 -13.12 2.51 -8.30
C SER A 176 -11.66 2.43 -7.85
N VAL A 177 -11.39 2.31 -6.56
CA VAL A 177 -10.04 2.16 -6.06
C VAL A 177 -9.84 0.71 -5.62
N CYS A 178 -8.59 0.37 -5.28
CA CYS A 178 -8.22 -1.02 -4.98
C CYS A 178 -8.25 -1.21 -3.47
N THR A 179 -9.20 -1.98 -2.98
CA THR A 179 -9.41 -2.16 -1.54
C THR A 179 -8.74 -3.44 -1.08
N VAL A 180 -7.88 -3.32 -0.06
CA VAL A 180 -6.89 -4.34 0.30
C VAL A 180 -7.21 -4.88 1.70
N GLY A 181 -7.48 -6.21 1.76
CA GLY A 181 -7.55 -6.89 3.05
C GLY A 181 -6.20 -7.48 3.46
N ALA A 182 -6.14 -8.02 4.68
CA ALA A 182 -4.89 -8.50 5.26
C ALA A 182 -4.92 -10.01 5.48
N SER A 183 -3.77 -10.65 5.20
CA SER A 183 -3.57 -12.06 5.52
C SER A 183 -2.35 -12.25 6.42
N ASP A 184 -2.21 -13.46 6.97
CA ASP A 184 -1.09 -13.81 7.84
C ASP A 184 -0.18 -14.82 7.13
N ARG A 185 0.92 -15.18 7.81
CA ARG A 185 1.94 -15.99 7.15
C ARG A 185 1.51 -17.44 6.92
N TYR A 186 0.41 -17.87 7.53
CA TYR A 186 -0.15 -19.19 7.29
C TYR A 186 -1.32 -19.14 6.31
N ASP A 187 -1.43 -18.05 5.54
CA ASP A 187 -2.47 -17.92 4.53
C ASP A 187 -3.87 -17.95 5.12
N ARG A 188 -4.04 -17.34 6.29
CA ARG A 188 -5.35 -17.08 6.87
C ARG A 188 -5.67 -15.59 6.76
N ARG A 189 -6.94 -15.27 6.55
CA ARG A 189 -7.36 -13.88 6.73
C ARG A 189 -6.94 -13.43 8.12
N SER A 190 -6.31 -12.27 8.21
CA SER A 190 -5.92 -11.73 9.50
C SER A 190 -7.17 -11.52 10.34
N SER A 191 -7.06 -11.78 11.64
CA SER A 191 -8.24 -11.82 12.51
C SER A 191 -8.99 -10.50 12.54
N PHE A 192 -8.27 -9.39 12.35
CA PHE A 192 -8.85 -8.05 12.39
C PHE A 192 -9.31 -7.55 11.02
N SER A 193 -8.97 -8.24 9.94
CA SER A 193 -9.20 -7.69 8.61
C SER A 193 -10.69 -7.55 8.29
N ASN A 194 -11.08 -6.37 7.83
CA ASN A 194 -12.40 -6.24 7.24
C ASN A 194 -12.48 -7.15 6.01
N TYR A 195 -13.71 -7.37 5.55
CA TYR A 195 -14.01 -8.29 4.45
C TYR A 195 -15.18 -7.69 3.68
N GLY A 196 -15.71 -8.46 2.74
CA GLY A 196 -16.91 -8.06 2.02
C GLY A 196 -16.67 -8.00 0.52
N SER A 197 -17.78 -7.82 -0.19
CA SER A 197 -17.73 -7.79 -1.65
C SER A 197 -16.92 -6.61 -2.18
N VAL A 198 -16.73 -5.56 -1.38
CA VAL A 198 -15.96 -4.42 -1.86
C VAL A 198 -14.45 -4.71 -1.91
N LEU A 199 -13.97 -5.74 -1.22
CA LEU A 199 -12.54 -6.05 -1.27
C LEU A 199 -12.15 -6.51 -2.67
N ASP A 200 -10.96 -6.08 -3.10
CA ASP A 200 -10.41 -6.50 -4.38
C ASP A 200 -9.29 -7.51 -4.28
N ILE A 201 -8.58 -7.53 -3.16
CA ILE A 201 -7.32 -8.27 -3.08
C ILE A 201 -6.92 -8.34 -1.61
N PHE A 202 -6.15 -9.37 -1.26
CA PHE A 202 -5.48 -9.45 0.03
C PHE A 202 -3.98 -9.34 -0.16
N GLY A 203 -3.33 -8.77 0.84
CA GLY A 203 -1.89 -8.78 0.94
C GLY A 203 -1.45 -9.08 2.34
N PRO A 204 -0.15 -9.35 2.53
CA PRO A 204 0.37 -9.64 3.87
C PRO A 204 0.14 -8.48 4.84
N GLY A 205 -0.49 -8.79 5.97
CA GLY A 205 -0.82 -7.75 6.92
C GLY A 205 -0.56 -8.04 8.38
N THR A 206 -0.28 -9.29 8.75
CA THR A 206 0.00 -9.63 10.13
C THR A 206 1.51 -9.79 10.28
N ASP A 207 2.09 -9.01 11.19
CA ASP A 207 3.48 -9.22 11.62
C ASP A 207 4.44 -8.84 10.50
N ILE A 208 4.33 -7.59 10.04
CA ILE A 208 5.07 -7.08 8.89
C ILE A 208 6.24 -6.23 9.41
N LEU A 209 7.46 -6.68 9.14
CA LEU A 209 8.65 -5.94 9.51
C LEU A 209 8.93 -4.87 8.46
N SER A 210 9.18 -3.64 8.93
CA SER A 210 9.51 -2.56 8.02
C SER A 210 10.22 -1.46 8.83
N THR A 211 10.48 -0.34 8.16
CA THR A 211 11.14 0.80 8.75
C THR A 211 10.28 1.47 9.82
N TRP A 212 10.94 2.15 10.75
CA TRP A 212 10.29 2.93 11.78
C TRP A 212 11.12 4.19 12.02
N ILE A 213 10.53 5.14 12.76
CA ILE A 213 11.22 6.39 13.00
C ILE A 213 12.39 6.20 13.96
N GLY A 214 13.29 7.17 13.94
CA GLY A 214 14.53 7.02 14.68
C GLY A 214 15.50 6.07 14.03
N GLY A 215 15.38 5.86 12.72
CA GLY A 215 16.26 4.96 12.00
C GLY A 215 16.16 3.52 12.44
N SER A 216 14.99 3.07 12.88
CA SER A 216 14.83 1.75 13.45
C SER A 216 13.95 0.89 12.53
N THR A 217 13.57 -0.28 13.03
CA THR A 217 12.63 -1.17 12.35
C THR A 217 11.72 -1.78 13.41
N ARG A 218 10.52 -2.18 13.01
CA ARG A 218 9.69 -3.00 13.88
C ARG A 218 8.62 -3.70 13.07
N SER A 219 7.96 -4.65 13.72
CA SER A 219 6.91 -5.44 13.10
C SER A 219 5.58 -5.02 13.70
N ILE A 220 4.63 -4.67 12.84
CA ILE A 220 3.27 -4.34 13.26
C ILE A 220 2.29 -4.98 12.29
N SER A 221 1.01 -4.91 12.67
CA SER A 221 -0.05 -5.59 11.94
C SER A 221 -1.18 -4.62 11.59
N GLY A 222 -1.83 -4.87 10.47
CA GLY A 222 -3.01 -4.13 10.07
C GLY A 222 -3.24 -4.24 8.57
N THR A 223 -4.47 -3.90 8.15
CA THR A 223 -4.68 -3.68 6.72
C THR A 223 -3.86 -2.51 6.22
N SER A 224 -3.40 -1.65 7.13
CA SER A 224 -2.44 -0.61 6.81
C SER A 224 -1.13 -1.19 6.28
N MET A 225 -0.77 -2.40 6.70
CA MET A 225 0.46 -3.04 6.25
C MET A 225 0.27 -3.81 4.96
N ALA A 226 -0.95 -4.31 4.72
CA ALA A 226 -1.21 -5.03 3.48
C ALA A 226 -1.27 -4.09 2.29
N THR A 227 -1.86 -2.91 2.49
CA THR A 227 -2.02 -1.91 1.44
C THR A 227 -0.72 -1.55 0.73
N PRO A 228 0.38 -1.22 1.43
CA PRO A 228 1.62 -0.88 0.71
C PRO A 228 2.26 -2.04 -0.01
N HIS A 229 1.97 -3.29 0.38
CA HIS A 229 2.40 -4.42 -0.45
C HIS A 229 1.76 -4.33 -1.82
N VAL A 230 0.45 -4.03 -1.86
CA VAL A 230 -0.25 -3.91 -3.13
C VAL A 230 0.21 -2.67 -3.90
N ALA A 231 0.40 -1.55 -3.21
CA ALA A 231 0.86 -0.33 -3.88
C ALA A 231 2.24 -0.54 -4.49
N GLY A 232 3.14 -1.15 -3.73
CA GLY A 232 4.47 -1.43 -4.27
C GLY A 232 4.42 -2.41 -5.41
N LEU A 233 3.55 -3.42 -5.31
CA LEU A 233 3.40 -4.37 -6.41
C LEU A 233 2.89 -3.68 -7.67
N ALA A 234 1.93 -2.77 -7.52
CA ALA A 234 1.45 -2.01 -8.66
C ALA A 234 2.58 -1.22 -9.32
N ALA A 235 3.39 -0.53 -8.53
CA ALA A 235 4.50 0.24 -9.09
C ALA A 235 5.47 -0.66 -9.85
N TYR A 236 5.77 -1.81 -9.27
CA TYR A 236 6.65 -2.79 -9.89
C TYR A 236 6.08 -3.27 -11.22
N LEU A 237 4.79 -3.60 -11.26
CA LEU A 237 4.20 -4.11 -12.50
C LEU A 237 4.05 -3.01 -13.55
N MET A 238 3.80 -1.78 -13.12
CA MET A 238 3.71 -0.67 -14.05
C MET A 238 5.07 -0.37 -14.68
N THR A 239 6.15 -0.47 -13.89
CA THR A 239 7.49 -0.30 -14.44
C THR A 239 7.81 -1.37 -15.49
N LEU A 240 7.35 -2.60 -15.26
CA LEU A 240 7.54 -3.66 -16.25
C LEU A 240 6.67 -3.47 -17.50
N GLY A 241 5.71 -2.55 -17.48
CA GLY A 241 4.81 -2.39 -18.61
C GLY A 241 3.69 -3.40 -18.68
N LYS A 242 3.49 -4.19 -17.61
CA LYS A 242 2.46 -5.21 -17.61
C LYS A 242 1.07 -4.61 -17.51
N THR A 243 0.94 -3.43 -16.93
CA THR A 243 -0.36 -2.84 -16.64
C THR A 243 -0.18 -1.33 -16.52
N THR A 244 -1.30 -0.64 -16.32
CA THR A 244 -1.35 0.81 -16.16
C THR A 244 -2.04 1.16 -14.85
N ALA A 245 -1.99 2.44 -14.50
CA ALA A 245 -2.63 2.88 -13.27
C ALA A 245 -4.13 2.57 -13.29
N ALA A 246 -4.76 2.73 -14.45
CA ALA A 246 -6.20 2.50 -14.55
C ALA A 246 -6.57 1.04 -14.39
N SER A 247 -5.70 0.12 -14.83
CA SER A 247 -6.02 -1.29 -14.89
C SER A 247 -5.29 -2.15 -13.87
N ALA A 248 -4.44 -1.55 -13.02
CA ALA A 248 -3.51 -2.35 -12.21
C ALA A 248 -4.24 -3.18 -11.17
N CYS A 249 -5.29 -2.63 -10.55
CA CYS A 249 -6.04 -3.41 -9.56
C CYS A 249 -6.63 -4.66 -10.20
N ARG A 250 -7.27 -4.51 -11.37
CA ARG A 250 -7.82 -5.64 -12.10
C ARG A 250 -6.73 -6.62 -12.49
N TYR A 251 -5.57 -6.12 -12.92
CA TYR A 251 -4.48 -6.99 -13.31
C TYR A 251 -3.95 -7.79 -12.11
N ILE A 252 -3.79 -7.12 -10.97
CA ILE A 252 -3.34 -7.82 -9.77
C ILE A 252 -4.33 -8.90 -9.37
N ALA A 253 -5.63 -8.60 -9.44
CA ALA A 253 -6.63 -9.61 -9.11
C ALA A 253 -6.61 -10.77 -10.10
N ASP A 254 -6.46 -10.46 -11.40
CA ASP A 254 -6.44 -11.49 -12.43
C ASP A 254 -5.25 -12.42 -12.29
N THR A 255 -4.12 -11.91 -11.80
CA THR A 255 -2.89 -12.69 -11.71
C THR A 255 -2.60 -13.18 -10.30
N ALA A 256 -3.53 -12.98 -9.37
CA ALA A 256 -3.30 -13.32 -7.97
C ALA A 256 -3.29 -14.83 -7.77
N ASN A 257 -2.76 -15.25 -6.62
CA ASN A 257 -2.98 -16.61 -6.17
C ASN A 257 -4.43 -16.73 -5.70
N LYS A 258 -5.16 -17.70 -6.24
CA LYS A 258 -6.60 -17.83 -6.02
C LYS A 258 -6.89 -19.05 -5.14
N GLY A 259 -7.76 -18.84 -4.14
CA GLY A 259 -8.21 -19.94 -3.31
C GLY A 259 -7.23 -20.42 -2.27
N ASP A 260 -6.17 -19.66 -1.99
CA ASP A 260 -5.14 -20.09 -1.06
C ASP A 260 -5.45 -19.71 0.39
N LEU A 261 -6.36 -18.77 0.61
CA LEU A 261 -6.57 -18.23 1.95
C LEU A 261 -7.70 -18.96 2.65
N SER A 262 -7.57 -19.07 3.97
CA SER A 262 -8.63 -19.61 4.79
C SER A 262 -9.29 -18.48 5.59
N ASN A 263 -10.47 -18.78 6.13
CA ASN A 263 -11.22 -17.82 6.92
C ASN A 263 -11.72 -16.64 6.08
N ILE A 264 -11.98 -16.89 4.81
CA ILE A 264 -12.55 -15.88 3.91
C ILE A 264 -14.08 -16.05 3.93
N PRO A 265 -14.83 -15.04 4.35
CA PRO A 265 -16.30 -15.17 4.33
C PRO A 265 -16.82 -15.38 2.91
N PHE A 266 -17.90 -16.15 2.82
CA PHE A 266 -18.61 -16.32 1.56
C PHE A 266 -18.97 -14.95 0.99
N GLY A 267 -18.59 -14.72 -0.26
CA GLY A 267 -18.83 -13.45 -0.90
C GLY A 267 -17.64 -12.50 -0.94
N THR A 268 -16.56 -12.82 -0.24
CA THR A 268 -15.33 -12.06 -0.29
C THR A 268 -14.35 -12.78 -1.20
N VAL A 269 -13.60 -12.03 -2.01
CA VAL A 269 -12.63 -12.63 -2.93
C VAL A 269 -11.58 -13.42 -2.15
N ASN A 270 -11.15 -14.54 -2.72
CA ASN A 270 -10.05 -15.32 -2.17
C ASN A 270 -8.88 -15.16 -3.13
N LEU A 271 -8.23 -13.99 -3.05
CA LEU A 271 -7.18 -13.57 -3.98
C LEU A 271 -6.05 -12.95 -3.18
N LEU A 272 -4.82 -13.44 -3.40
CA LEU A 272 -3.65 -12.98 -2.68
C LEU A 272 -2.65 -12.45 -3.71
N ALA A 273 -2.23 -11.19 -3.52
CA ALA A 273 -1.35 -10.54 -4.48
C ALA A 273 -0.11 -11.36 -4.77
N TYR A 274 0.27 -11.42 -6.04
CA TYR A 274 1.36 -12.27 -6.52
C TYR A 274 2.02 -11.62 -7.72
N ASN A 275 3.36 -11.61 -7.75
CA ASN A 275 4.06 -10.90 -8.81
C ASN A 275 4.35 -11.75 -10.05
N ASN A 276 4.11 -13.06 -9.99
CA ASN A 276 4.27 -13.95 -11.14
C ASN A 276 5.68 -13.95 -11.72
N TYR A 277 6.69 -13.66 -10.90
CA TYR A 277 8.04 -13.54 -11.44
C TYR A 277 8.69 -14.91 -11.68
N GLN A 278 8.84 -15.69 -10.61
CA GLN A 278 9.49 -17.01 -10.62
C GLN A 278 10.04 -17.29 -9.22
NT W9J B . 10.55 -14.86 6.19
CT W9J B . 10.58 -14.38 7.35
OT W9J B . 10.03 -14.92 8.25
N W9J B . 11.29 -13.15 7.59
CA W9J B . 11.35 -12.53 8.90
CB W9J B . 12.30 -11.33 8.84
CG W9J B . 13.67 -11.63 8.24
SD W9J B . 14.77 -10.23 8.60
CE W9J B . 16.51 -10.72 8.78
C W9J B . 9.95 -12.00 9.26
O W9J B . 9.15 -11.71 8.35
OXT W9J B . 9.63 -11.82 10.47
#